data_4JHV
#
_entry.id   4JHV
#
_cell.length_a   62.780
_cell.length_b   84.910
_cell.length_c   116.950
_cell.angle_alpha   90.00
_cell.angle_beta   90.00
_cell.angle_gamma   90.00
#
_symmetry.space_group_name_H-M   'P 21 21 21'
#
loop_
_entity.id
_entity.type
_entity.pdbx_description
1 polymer LACCASE
2 branched alpha-D-mannopyranose-(1-3)-alpha-D-mannopyranose-(1-6)-[alpha-D-mannopyranose-(1-3)]beta-D-mannopyranose-(1-4)-2-acetamido-2-deoxy-beta-D-glucopyranose-(1-4)-2-acetamido-2-deoxy-beta-D-glucopyranose
3 branched beta-D-mannopyranose-(1-4)-2-acetamido-2-deoxy-beta-D-glucopyranose-(1-4)-2-acetamido-2-deoxy-beta-D-glucopyranose
4 non-polymer 'COPPER (II) ION'
5 non-polymer 1-(2-METHOXY-ETHOXY)-2-{2-[2-(2-METHOXY-ETHOXY]-ETHOXY}-ETHANE
6 non-polymer '4-(2-HYDROXYETHYL)-1-PIPERAZINE ETHANESULFONIC ACID'
7 water water
#
_entity_poly.entity_id   1
_entity_poly.type   'polypeptide(L)'
_entity_poly.pdbx_seq_one_letter_code
;GIGPVTDLTISDGPVSPDGFTRQAILVNNQFPSPLITGNKGDRFQLNVIDNMNNHTMLKSTSIHWHGFFQHGTNWADGPA
FVNQCPISPGHSFLYDFQVPDQAGTFWYHSHLSTQYCDGLRGPIVVYDPQDPHKDLYDVDDDSTVITLADWYHLAAKVGP
AVPTADATLINGLGRSISTLNADLAVISVTKGKRYRFRLVSLSCDPNHTFSIDGHTMTVIEADSVNLKPQVVDSIQIFAA
QRYSFVLNADQDIGNYWIRAMPNSGTRNFDGGVNSAILRYDGADPVEPTTTQTPSSQPLVESALTTLEGTAAPGSPTAGG
VDLAINMAFGFAGGRFTINGASFTPPTVPVLLQILSGAQNAQDLLPTGSVYSLPANADIEISLPATAAAPGFPHPFHLHG
HTFAVVRSAGSSTYNYANPVYRDVVSTGSPGDNVTIRFRTDNPGPWFLHCHIDFHLEAGFAVVMAEDIPDVAAVNPVPQA
WSDLCPTYNALDPNDQ
;
_entity_poly.pdbx_strand_id   A
#
loop_
_chem_comp.id
_chem_comp.type
_chem_comp.name
_chem_comp.formula
BMA D-saccharide, beta linking beta-D-mannopyranose 'C6 H12 O6'
CU non-polymer 'COPPER (II) ION' 'Cu 2'
EPE non-polymer '4-(2-HYDROXYETHYL)-1-PIPERAZINE ETHANESULFONIC ACID' 'C8 H18 N2 O4 S'
MAN D-saccharide, alpha linking alpha-D-mannopyranose 'C6 H12 O6'
NAG D-saccharide, beta linking 2-acetamido-2-deoxy-beta-D-glucopyranose 'C8 H15 N O6'
PG6 non-polymer 1-(2-METHOXY-ETHOXY)-2-{2-[2-(2-METHOXY-ETHOXY]-ETHOXY}-ETHANE 'C12 H26 O6'
#
# COMPACT_ATOMS: atom_id res chain seq x y z
N GLY A 1 -3.91 -0.40 -19.22
CA GLY A 1 -5.00 -0.43 -18.15
C GLY A 1 -5.88 0.77 -18.44
N ILE A 2 -6.71 1.15 -17.49
CA ILE A 2 -7.61 2.28 -17.71
C ILE A 2 -6.98 3.58 -17.22
N GLY A 3 -7.43 4.68 -17.81
CA GLY A 3 -6.88 6.00 -17.40
C GLY A 3 -5.79 6.48 -18.31
N PRO A 4 -5.11 7.60 -17.94
CA PRO A 4 -5.16 8.24 -16.63
C PRO A 4 -6.39 9.12 -16.37
N VAL A 5 -7.21 9.33 -17.40
CA VAL A 5 -8.51 10.02 -17.19
C VAL A 5 -9.63 8.97 -17.35
N THR A 6 -10.38 8.72 -16.26
CA THR A 6 -11.42 7.69 -16.29
C THR A 6 -12.38 7.82 -15.11
N ASP A 7 -13.60 7.30 -15.26
CA ASP A 7 -14.46 7.11 -14.12
C ASP A 7 -14.04 5.84 -13.30
N LEU A 8 -14.30 5.87 -12.00
CA LEU A 8 -14.22 4.71 -11.12
C LEU A 8 -15.55 4.66 -10.37
N THR A 9 -16.49 3.83 -10.86
CA THR A 9 -17.83 3.81 -10.25
C THR A 9 -17.85 2.67 -9.23
N ILE A 10 -18.15 3.05 -7.98
CA ILE A 10 -18.08 2.13 -6.84
C ILE A 10 -19.47 1.62 -6.52
N SER A 11 -19.61 0.30 -6.40
CA SER A 11 -20.91 -0.31 -6.02
C SER A 11 -20.74 -1.53 -5.18
N ASP A 12 -21.87 -2.09 -4.70
CA ASP A 12 -21.81 -3.33 -3.94
C ASP A 12 -22.39 -4.47 -4.80
N GLY A 13 -21.79 -5.64 -4.71
CA GLY A 13 -22.39 -6.79 -5.44
C GLY A 13 -21.74 -8.09 -5.01
N PRO A 14 -22.21 -9.21 -5.54
CA PRO A 14 -21.63 -10.49 -5.20
C PRO A 14 -20.33 -10.77 -5.96
N VAL A 15 -19.41 -11.43 -5.25
CA VAL A 15 -18.14 -11.91 -5.79
C VAL A 15 -17.87 -13.32 -5.30
N SER A 16 -17.00 -14.04 -5.97
CA SER A 16 -16.60 -15.38 -5.51
C SER A 16 -15.17 -15.70 -5.91
N PRO A 17 -14.19 -14.89 -5.40
CA PRO A 17 -12.82 -15.08 -5.88
C PRO A 17 -12.13 -16.37 -5.48
N ASP A 18 -12.64 -17.03 -4.42
CA ASP A 18 -12.10 -18.30 -3.96
C ASP A 18 -13.21 -19.36 -4.01
N GLY A 19 -14.22 -19.14 -4.84
CA GLY A 19 -15.33 -20.11 -4.96
C GLY A 19 -16.45 -19.99 -3.93
N PHE A 20 -16.30 -19.13 -2.94
CA PHE A 20 -17.33 -18.80 -1.93
C PHE A 20 -17.99 -17.46 -2.28
N THR A 21 -19.31 -17.43 -2.36
CA THR A 21 -20.00 -16.19 -2.76
C THR A 21 -20.22 -15.27 -1.56
N ARG A 22 -19.83 -13.99 -1.66
CA ARG A 22 -20.20 -13.02 -0.63
C ARG A 22 -20.39 -11.67 -1.26
N GLN A 23 -21.13 -10.76 -0.62
CA GLN A 23 -21.26 -9.36 -1.03
C GLN A 23 -19.90 -8.64 -0.77
N ALA A 24 -19.57 -7.76 -1.71
CA ALA A 24 -18.27 -7.04 -1.63
C ALA A 24 -18.37 -5.79 -2.49
N ILE A 25 -17.25 -5.05 -2.59
CA ILE A 25 -17.28 -3.77 -3.30
C ILE A 25 -16.67 -3.97 -4.71
N LEU A 26 -17.43 -3.51 -5.72
CA LEU A 26 -17.05 -3.57 -7.11
C LEU A 26 -16.59 -2.19 -7.55
N VAL A 27 -15.67 -2.19 -8.51
CA VAL A 27 -15.20 -0.94 -9.12
C VAL A 27 -15.37 -1.10 -10.63
N ASN A 28 -16.15 -0.22 -11.26
CA ASN A 28 -16.54 -0.40 -12.67
C ASN A 28 -17.03 -1.83 -12.90
N ASN A 29 -17.90 -2.30 -12.01
CA ASN A 29 -18.53 -3.64 -12.15
C ASN A 29 -17.57 -4.84 -12.07
N GLN A 30 -16.34 -4.62 -11.55
CA GLN A 30 -15.28 -5.63 -11.55
C GLN A 30 -14.82 -5.93 -10.14
N PHE A 31 -14.59 -7.21 -9.87
CA PHE A 31 -13.77 -7.63 -8.72
C PHE A 31 -12.77 -8.66 -9.28
N PRO A 32 -11.46 -8.53 -8.97
CA PRO A 32 -10.89 -7.42 -8.19
C PRO A 32 -10.92 -6.10 -8.95
N SER A 33 -10.57 -5.03 -8.23
CA SER A 33 -10.70 -3.70 -8.86
C SER A 33 -9.66 -3.57 -10.01
N PRO A 34 -10.02 -2.81 -11.06
CA PRO A 34 -9.22 -2.79 -12.27
C PRO A 34 -7.89 -2.03 -12.16
N LEU A 35 -6.96 -2.43 -13.00
CA LEU A 35 -5.64 -1.75 -13.12
C LEU A 35 -5.77 -0.39 -13.80
N ILE A 36 -5.17 0.64 -13.15
CA ILE A 36 -5.12 1.98 -13.74
C ILE A 36 -3.69 2.19 -14.26
N THR A 37 -3.52 2.80 -15.44
CA THR A 37 -2.15 3.07 -15.97
C THR A 37 -2.04 4.51 -16.48
N GLY A 38 -0.80 5.02 -16.46
CA GLY A 38 -0.44 6.23 -17.20
C GLY A 38 1.08 6.26 -17.33
N ASN A 39 1.59 7.41 -17.79
CA ASN A 39 3.04 7.59 -17.94
C ASN A 39 3.55 8.67 -17.00
N LYS A 40 4.84 8.65 -16.77
CA LYS A 40 5.51 9.60 -15.90
C LYS A 40 5.13 11.05 -16.27
N GLY A 41 4.74 11.82 -15.27
CA GLY A 41 4.36 13.22 -15.45
C GLY A 41 2.93 13.47 -15.89
N ASP A 42 2.17 12.42 -16.21
CA ASP A 42 0.76 12.58 -16.60
C ASP A 42 -0.10 13.25 -15.52
N ARG A 43 -1.19 13.88 -15.97
CA ARG A 43 -2.27 14.30 -15.13
C ARG A 43 -3.26 13.15 -15.02
N PHE A 44 -3.58 12.77 -13.78
CA PHE A 44 -4.64 11.76 -13.54
C PHE A 44 -5.91 12.48 -13.20
N GLN A 45 -7.03 12.11 -13.82
CA GLN A 45 -8.34 12.68 -13.47
C GLN A 45 -9.27 11.50 -13.26
N LEU A 46 -9.44 11.13 -12.00
CA LEU A 46 -10.13 9.92 -11.61
C LEU A 46 -11.40 10.33 -10.96
N ASN A 47 -12.50 10.09 -11.67
CA ASN A 47 -13.81 10.58 -11.21
C ASN A 47 -14.46 9.43 -10.46
N VAL A 48 -14.50 9.56 -9.16
CA VAL A 48 -15.03 8.47 -8.29
C VAL A 48 -16.52 8.69 -8.07
N ILE A 49 -17.31 7.76 -8.59
CA ILE A 49 -18.78 7.88 -8.60
C ILE A 49 -19.30 6.88 -7.56
N ASP A 50 -19.83 7.38 -6.45
CA ASP A 50 -20.11 6.45 -5.36
C ASP A 50 -21.59 5.97 -5.40
N ASN A 51 -21.80 4.73 -5.88
CA ASN A 51 -23.16 4.16 -5.96
C ASN A 51 -23.40 3.05 -4.94
N MET A 52 -22.59 3.03 -3.86
CA MET A 52 -22.81 2.04 -2.83
C MET A 52 -24.08 2.29 -2.01
N ASN A 53 -24.78 1.20 -1.68
CA ASN A 53 -26.01 1.26 -0.86
C ASN A 53 -25.99 0.35 0.36
N ASN A 54 -24.82 -0.19 0.73
CA ASN A 54 -24.74 -1.15 1.80
C ASN A 54 -23.97 -0.50 2.97
N HIS A 55 -24.69 -0.12 4.02
CA HIS A 55 -24.02 0.53 5.20
C HIS A 55 -23.08 -0.38 5.97
N THR A 56 -23.28 -1.71 5.95
CA THR A 56 -22.39 -2.63 6.62
C THR A 56 -20.97 -2.52 6.06
N MET A 57 -20.86 -2.19 4.77
CA MET A 57 -19.52 -2.09 4.16
C MET A 57 -19.21 -0.60 3.90
N LEU A 58 -20.06 0.28 4.43
CA LEU A 58 -20.03 1.75 4.36
C LEU A 58 -20.49 2.27 3.03
N LYS A 59 -21.55 3.08 3.03
CA LYS A 59 -22.04 3.70 1.79
C LYS A 59 -21.14 4.80 1.23
N SER A 60 -20.45 5.49 2.15
CA SER A 60 -19.55 6.59 1.79
C SER A 60 -18.18 6.01 1.48
N THR A 61 -17.29 6.83 0.91
CA THR A 61 -15.96 6.28 0.54
C THR A 61 -14.95 7.41 0.35
N SER A 62 -13.66 7.06 0.33
CA SER A 62 -12.59 7.99 -0.01
C SER A 62 -11.44 7.09 -0.49
N ILE A 63 -10.68 7.54 -1.48
CA ILE A 63 -9.62 6.66 -2.07
C ILE A 63 -8.25 7.36 -1.96
N HIS A 64 -7.26 6.59 -1.49
CA HIS A 64 -5.85 7.02 -1.46
C HIS A 64 -5.12 6.41 -2.64
N TRP A 65 -4.27 7.24 -3.29
CA TRP A 65 -3.45 6.85 -4.44
C TRP A 65 -2.07 6.60 -3.82
N HIS A 66 -1.84 5.35 -3.44
CA HIS A 66 -0.71 5.02 -2.58
C HIS A 66 0.64 5.14 -3.26
N GLY A 67 1.42 6.07 -2.71
CA GLY A 67 2.79 6.27 -3.17
C GLY A 67 2.95 7.61 -3.93
N PHE A 68 1.86 8.24 -4.36
CA PHE A 68 1.96 9.55 -5.08
C PHE A 68 2.19 10.67 -4.09
N PHE A 69 3.10 11.58 -4.44
CA PHE A 69 3.44 12.63 -3.47
C PHE A 69 2.35 13.67 -3.28
N GLN A 70 1.53 13.92 -4.32
CA GLN A 70 0.39 14.86 -4.20
C GLN A 70 0.87 16.29 -3.86
N HIS A 71 2.04 16.70 -4.42
CA HIS A 71 2.53 18.05 -4.08
C HIS A 71 1.56 19.09 -4.65
N GLY A 72 1.03 19.95 -3.78
CA GLY A 72 0.04 20.95 -4.20
C GLY A 72 -1.36 20.42 -4.35
N THR A 73 -1.50 19.12 -4.13
CA THR A 73 -2.87 18.52 -4.19
C THR A 73 -3.09 17.64 -2.94
N ASN A 74 -2.73 18.17 -1.78
CA ASN A 74 -2.91 17.41 -0.55
C ASN A 74 -4.38 16.98 -0.32
N TRP A 75 -5.33 17.80 -0.79
CA TRP A 75 -6.74 17.51 -0.69
C TRP A 75 -7.19 16.27 -1.43
N ALA A 76 -6.32 15.74 -2.30
CA ALA A 76 -6.64 14.57 -3.13
C ALA A 76 -6.00 13.32 -2.56
N ASP A 77 -5.32 13.42 -1.43
CA ASP A 77 -4.50 12.26 -0.97
C ASP A 77 -5.37 11.07 -0.49
N GLY A 78 -6.56 11.37 0.04
CA GLY A 78 -7.52 10.27 0.34
C GLY A 78 -7.89 9.93 1.76
N PRO A 79 -6.98 10.00 2.74
CA PRO A 79 -7.41 9.58 4.11
C PRO A 79 -8.62 10.33 4.69
N ALA A 80 -9.67 9.55 5.02
CA ALA A 80 -10.87 10.20 5.57
C ALA A 80 -10.53 10.87 6.91
N PHE A 81 -11.00 12.13 7.07
CA PHE A 81 -10.83 12.93 8.27
C PHE A 81 -9.39 13.42 8.51
N VAL A 82 -8.52 13.20 7.52
CA VAL A 82 -7.19 13.84 7.50
C VAL A 82 -7.17 14.77 6.32
N ASN A 83 -7.45 14.23 5.12
CA ASN A 83 -7.39 15.04 3.91
C ASN A 83 -8.72 15.39 3.26
N GLN A 84 -9.78 14.72 3.67
CA GLN A 84 -11.11 15.02 3.14
C GLN A 84 -12.17 14.41 4.01
N CYS A 85 -13.41 14.93 3.93
CA CYS A 85 -14.54 14.10 4.39
C CYS A 85 -14.84 13.06 3.29
N PRO A 86 -15.50 11.95 3.65
CA PRO A 86 -15.86 10.95 2.63
C PRO A 86 -16.79 11.55 1.59
N ILE A 87 -16.68 11.02 0.38
CA ILE A 87 -17.66 11.13 -0.68
C ILE A 87 -18.94 10.40 -0.19
N SER A 88 -20.11 11.03 -0.41
CA SER A 88 -21.37 10.47 0.07
C SER A 88 -22.02 9.59 -1.02
N PRO A 89 -22.83 8.62 -0.59
CA PRO A 89 -23.57 7.84 -1.62
C PRO A 89 -24.45 8.74 -2.49
N GLY A 90 -24.49 8.45 -3.80
CA GLY A 90 -25.20 9.28 -4.79
C GLY A 90 -24.50 10.52 -5.30
N HIS A 91 -23.22 10.68 -4.89
CA HIS A 91 -22.36 11.78 -5.33
C HIS A 91 -21.11 11.25 -6.00
N SER A 92 -20.49 12.14 -6.77
CA SER A 92 -19.19 11.88 -7.42
C SER A 92 -18.19 12.89 -6.94
N PHE A 93 -16.89 12.55 -7.08
CA PHE A 93 -15.85 13.49 -6.67
C PHE A 93 -14.64 13.21 -7.54
N LEU A 94 -14.09 14.26 -8.13
CA LEU A 94 -12.97 14.15 -9.06
C LEU A 94 -11.63 14.36 -8.31
N TYR A 95 -10.82 13.30 -8.30
CA TYR A 95 -9.41 13.44 -7.88
C TYR A 95 -8.61 13.84 -9.12
N ASP A 96 -8.02 15.04 -9.06
CA ASP A 96 -7.32 15.60 -10.23
C ASP A 96 -5.93 16.01 -9.77
N PHE A 97 -4.93 15.26 -10.20
CA PHE A 97 -3.54 15.45 -9.72
C PHE A 97 -2.52 15.09 -10.77
N GLN A 98 -1.28 15.50 -10.57
CA GLN A 98 -0.22 15.17 -11.52
C GLN A 98 0.84 14.36 -10.79
N VAL A 99 1.66 13.65 -11.59
CA VAL A 99 2.68 12.77 -11.00
C VAL A 99 4.09 13.11 -11.53
N PRO A 100 4.50 14.39 -11.37
CA PRO A 100 5.82 14.73 -11.84
C PRO A 100 6.86 13.86 -11.09
N ASP A 101 7.81 13.43 -11.87
CA ASP A 101 9.07 12.82 -11.38
C ASP A 101 8.83 11.57 -10.56
N GLN A 102 7.73 10.88 -10.86
CA GLN A 102 7.58 9.53 -10.34
C GLN A 102 7.19 8.59 -11.44
N ALA A 103 7.70 7.37 -11.29
CA ALA A 103 7.35 6.26 -12.21
C ALA A 103 7.62 4.95 -11.49
N GLY A 104 6.72 3.97 -11.61
CA GLY A 104 6.89 2.69 -10.89
C GLY A 104 5.54 2.05 -10.69
N THR A 105 5.45 1.26 -9.64
CA THR A 105 4.25 0.49 -9.36
C THR A 105 3.63 1.06 -8.07
N PHE A 106 2.33 1.35 -8.16
CA PHE A 106 1.53 1.98 -7.05
C PHE A 106 0.22 1.17 -6.87
N TRP A 107 -0.66 1.66 -6.03
CA TRP A 107 -1.99 1.04 -5.94
C TRP A 107 -2.95 2.03 -5.41
N TYR A 108 -4.25 1.77 -5.57
CA TYR A 108 -5.27 2.65 -4.95
C TYR A 108 -6.15 1.80 -4.03
N HIS A 109 -6.69 2.43 -2.99
CA HIS A 109 -7.55 1.69 -2.07
C HIS A 109 -8.41 2.64 -1.29
N SER A 110 -9.59 2.17 -0.85
CA SER A 110 -10.35 2.98 0.07
C SER A 110 -9.48 3.35 1.29
N HIS A 111 -9.62 4.60 1.72
CA HIS A 111 -8.91 5.03 2.95
C HIS A 111 -9.94 5.56 3.96
N LEU A 112 -11.10 4.89 3.98
CA LEU A 112 -12.16 5.10 5.03
C LEU A 112 -12.27 3.83 5.84
N SER A 113 -11.97 3.92 7.15
CA SER A 113 -12.16 2.81 8.05
C SER A 113 -11.42 1.55 7.51
N THR A 114 -12.05 0.38 7.63
CA THR A 114 -11.48 -0.83 7.03
C THR A 114 -12.15 -1.26 5.69
N GLN A 115 -12.62 -0.26 4.94
CA GLN A 115 -13.41 -0.55 3.72
C GLN A 115 -12.57 -1.21 2.63
N TYR A 116 -11.25 -0.95 2.57
CA TYR A 116 -10.55 -1.54 1.42
C TYR A 116 -10.54 -3.08 1.57
N CYS A 117 -10.68 -3.58 2.80
CA CYS A 117 -10.66 -5.01 3.03
C CYS A 117 -11.85 -5.66 2.34
N ASP A 118 -12.93 -4.89 2.20
CA ASP A 118 -14.16 -5.42 1.55
C ASP A 118 -14.09 -5.33 0.04
N GLY A 119 -12.96 -4.89 -0.52
CA GLY A 119 -12.68 -5.15 -1.97
C GLY A 119 -12.31 -3.90 -2.81
N LEU A 120 -12.33 -2.72 -2.22
CA LEU A 120 -12.04 -1.51 -3.02
C LEU A 120 -10.51 -1.28 -3.02
N ARG A 121 -9.81 -1.92 -3.95
CA ARG A 121 -8.32 -1.88 -3.96
C ARG A 121 -7.83 -2.47 -5.28
N GLY A 122 -6.98 -1.71 -5.97
CA GLY A 122 -6.41 -2.22 -7.22
C GLY A 122 -5.04 -1.62 -7.53
N PRO A 123 -4.35 -2.18 -8.52
CA PRO A 123 -2.96 -1.74 -8.81
C PRO A 123 -2.97 -0.51 -9.75
N ILE A 124 -1.86 0.22 -9.73
CA ILE A 124 -1.63 1.33 -10.65
C ILE A 124 -0.19 1.15 -11.18
N VAL A 125 0.01 1.31 -12.49
CA VAL A 125 1.39 1.37 -13.00
C VAL A 125 1.58 2.70 -13.74
N VAL A 126 2.70 3.39 -13.41
CA VAL A 126 3.09 4.64 -14.07
C VAL A 126 4.37 4.33 -14.83
N TYR A 127 4.27 4.26 -16.17
CA TYR A 127 5.40 3.79 -16.99
C TYR A 127 6.37 4.91 -17.23
N ASP A 128 7.65 4.55 -17.38
CA ASP A 128 8.69 5.57 -17.70
C ASP A 128 9.18 5.31 -19.14
N PRO A 129 8.95 6.27 -20.07
CA PRO A 129 9.41 6.05 -21.45
C PRO A 129 10.89 5.96 -21.60
N GLN A 130 11.63 6.38 -20.57
CA GLN A 130 13.11 6.14 -20.56
C GLN A 130 13.48 5.33 -19.31
N ASP A 131 12.67 4.33 -19.02
CA ASP A 131 12.96 3.52 -17.83
C ASP A 131 14.40 3.00 -17.91
N PRO A 132 15.22 3.26 -16.85
CA PRO A 132 16.63 2.90 -16.89
C PRO A 132 16.86 1.40 -16.82
N HIS A 133 15.81 0.61 -16.51
CA HIS A 133 15.93 -0.83 -16.46
C HIS A 133 15.28 -1.57 -17.65
N LYS A 134 14.77 -0.83 -18.64
CA LYS A 134 14.09 -1.43 -19.80
C LYS A 134 14.92 -2.49 -20.53
N ASP A 135 16.23 -2.30 -20.59
CA ASP A 135 17.00 -3.24 -21.41
C ASP A 135 17.12 -4.61 -20.72
N LEU A 136 16.63 -4.72 -19.47
CA LEU A 136 16.60 -6.00 -18.80
C LEU A 136 15.41 -6.90 -19.15
N TYR A 137 14.43 -6.40 -19.88
CA TYR A 137 13.23 -7.20 -20.14
C TYR A 137 12.57 -6.92 -21.49
N ASP A 138 11.69 -7.84 -21.91
CA ASP A 138 11.01 -7.75 -23.19
C ASP A 138 9.53 -7.40 -23.02
N VAL A 139 8.90 -7.85 -21.93
CA VAL A 139 7.46 -7.70 -21.76
C VAL A 139 7.15 -6.97 -20.42
N ASP A 140 6.36 -5.91 -20.52
CA ASP A 140 5.87 -5.19 -19.30
C ASP A 140 4.51 -4.59 -19.68
N ASP A 141 3.43 -5.23 -19.20
CA ASP A 141 2.06 -4.83 -19.64
C ASP A 141 1.01 -5.21 -18.64
N ASP A 142 -0.27 -5.10 -19.01
CA ASP A 142 -1.32 -5.39 -18.01
C ASP A 142 -1.15 -6.79 -17.47
N SER A 143 -0.66 -7.73 -18.30
CA SER A 143 -0.51 -9.13 -17.85
C SER A 143 0.73 -9.42 -17.01
N THR A 144 1.57 -8.42 -16.78
CA THR A 144 2.71 -8.72 -15.90
C THR A 144 2.54 -8.08 -14.51
N VAL A 145 1.34 -7.58 -14.21
CA VAL A 145 1.06 -7.12 -12.82
C VAL A 145 0.63 -8.35 -12.04
N ILE A 146 1.21 -8.55 -10.86
CA ILE A 146 0.84 -9.67 -9.97
C ILE A 146 0.40 -9.09 -8.65
N THR A 147 -0.87 -9.26 -8.33
CA THR A 147 -1.34 -8.71 -7.02
C THR A 147 -1.50 -9.84 -6.00
N LEU A 148 -1.18 -9.53 -4.73
CA LEU A 148 -1.41 -10.44 -3.59
C LEU A 148 -2.43 -9.81 -2.69
N ALA A 149 -3.39 -10.59 -2.21
CA ALA A 149 -4.42 -10.04 -1.30
C ALA A 149 -4.94 -11.07 -0.29
N ASP A 150 -5.30 -10.59 0.88
CA ASP A 150 -6.05 -11.44 1.85
C ASP A 150 -7.53 -11.41 1.51
N TRP A 151 -8.24 -12.51 1.79
CA TRP A 151 -9.66 -12.50 1.52
C TRP A 151 -10.41 -13.23 2.69
N TYR A 152 -11.57 -12.71 3.05
CA TYR A 152 -12.34 -13.13 4.26
C TYR A 152 -13.74 -13.48 3.82
N HIS A 153 -14.23 -14.61 4.35
CA HIS A 153 -15.65 -14.94 4.07
C HIS A 153 -16.70 -14.10 4.81
N LEU A 154 -16.32 -13.46 5.91
CA LEU A 154 -17.14 -12.47 6.60
C LEU A 154 -16.57 -11.07 6.33
N ALA A 155 -17.45 -10.10 6.18
CA ALA A 155 -17.04 -8.71 5.87
C ALA A 155 -16.27 -8.06 7.03
N ALA A 156 -15.59 -6.94 6.71
CA ALA A 156 -14.74 -6.28 7.70
C ALA A 156 -15.47 -5.93 9.01
N LYS A 157 -16.72 -5.48 8.89
CA LYS A 157 -17.48 -5.08 10.10
C LYS A 157 -18.32 -6.24 10.65
N VAL A 158 -18.20 -7.43 10.06
CA VAL A 158 -19.03 -8.60 10.48
C VAL A 158 -18.22 -9.63 11.24
N GLY A 159 -16.99 -9.90 10.82
CA GLY A 159 -16.09 -10.82 11.50
C GLY A 159 -15.41 -10.26 12.75
N PRO A 160 -14.37 -10.97 13.27
CA PRO A 160 -13.60 -10.45 14.41
C PRO A 160 -12.96 -9.09 14.10
N ALA A 161 -12.69 -8.29 15.13
CA ALA A 161 -12.02 -6.99 14.95
C ALA A 161 -10.64 -7.15 14.30
N VAL A 162 -9.91 -8.22 14.60
CA VAL A 162 -8.70 -8.54 13.86
C VAL A 162 -8.92 -9.97 13.31
N PRO A 163 -9.45 -10.07 12.07
CA PRO A 163 -9.86 -11.34 11.49
C PRO A 163 -8.69 -12.15 10.95
N THR A 164 -8.97 -13.40 10.60
CA THR A 164 -7.98 -14.28 10.01
C THR A 164 -8.41 -14.68 8.61
N ALA A 165 -7.52 -14.54 7.61
CA ALA A 165 -7.96 -14.68 6.22
C ALA A 165 -8.32 -16.14 5.90
N ASP A 166 -9.35 -16.29 5.08
CA ASP A 166 -9.77 -17.59 4.51
C ASP A 166 -8.98 -18.01 3.29
N ALA A 167 -8.38 -17.04 2.56
CA ALA A 167 -7.64 -17.33 1.32
C ALA A 167 -6.64 -16.19 1.05
N THR A 168 -5.54 -16.54 0.40
CA THR A 168 -4.68 -15.59 -0.34
C THR A 168 -5.18 -15.59 -1.81
N LEU A 169 -5.46 -14.40 -2.36
CA LEU A 169 -5.78 -14.25 -3.77
C LEU A 169 -4.50 -13.75 -4.49
N ILE A 170 -4.24 -14.35 -5.65
CA ILE A 170 -3.17 -13.92 -6.51
C ILE A 170 -3.89 -13.47 -7.80
N ASN A 171 -3.70 -12.20 -8.20
CA ASN A 171 -4.55 -11.65 -9.27
C ASN A 171 -6.06 -11.94 -9.05
N GLY A 172 -6.52 -11.83 -7.80
CA GLY A 172 -7.98 -11.91 -7.53
C GLY A 172 -8.49 -13.34 -7.43
N LEU A 173 -7.62 -14.36 -7.50
CA LEU A 173 -8.08 -15.79 -7.50
C LEU A 173 -7.30 -16.64 -6.51
N GLY A 174 -7.98 -17.57 -5.82
CA GLY A 174 -7.21 -18.53 -5.02
C GLY A 174 -8.18 -19.48 -4.33
N ARG A 175 -7.64 -20.33 -3.48
CA ARG A 175 -8.47 -21.36 -2.80
C ARG A 175 -8.47 -21.17 -1.31
N SER A 176 -9.60 -21.55 -0.69
CA SER A 176 -9.71 -21.63 0.77
C SER A 176 -9.78 -23.13 1.10
N ILE A 177 -9.66 -23.49 2.38
CA ILE A 177 -9.62 -24.92 2.75
C ILE A 177 -10.94 -25.62 2.42
N SER A 178 -12.03 -24.88 2.26
CA SER A 178 -13.34 -25.44 1.94
C SER A 178 -13.64 -25.33 0.44
N THR A 179 -12.70 -24.79 -0.33
CA THR A 179 -12.94 -24.57 -1.77
C THR A 179 -11.72 -24.95 -2.57
N LEU A 180 -11.25 -26.19 -2.36
CA LEU A 180 -10.02 -26.69 -2.95
C LEU A 180 -10.04 -26.96 -4.47
N ASN A 181 -11.19 -26.76 -5.10
CA ASN A 181 -11.32 -26.88 -6.55
C ASN A 181 -11.51 -25.55 -7.24
N ALA A 182 -11.39 -24.44 -6.49
CA ALA A 182 -11.60 -23.12 -7.10
C ALA A 182 -10.47 -22.87 -8.10
N ASP A 183 -10.83 -22.11 -9.14
CA ASP A 183 -9.89 -21.71 -10.19
C ASP A 183 -8.70 -20.92 -9.64
N LEU A 184 -7.50 -21.31 -10.06
CA LEU A 184 -6.26 -20.62 -9.70
C LEU A 184 -5.91 -19.62 -10.81
N ALA A 185 -5.25 -18.52 -10.42
CA ALA A 185 -4.67 -17.62 -11.41
C ALA A 185 -3.59 -18.29 -12.20
N VAL A 186 -3.54 -17.97 -13.50
CA VAL A 186 -2.47 -18.40 -14.39
C VAL A 186 -1.75 -17.17 -14.94
N ILE A 187 -0.43 -17.19 -14.85
CA ILE A 187 0.43 -16.14 -15.41
C ILE A 187 1.21 -16.81 -16.53
N SER A 188 1.07 -16.26 -17.73
CA SER A 188 1.65 -16.85 -18.93
C SER A 188 3.00 -16.27 -19.28
N VAL A 189 3.93 -17.15 -19.61
CA VAL A 189 5.24 -16.73 -20.14
C VAL A 189 5.58 -17.57 -21.37
N THR A 190 6.44 -17.00 -22.21
CA THR A 190 6.96 -17.66 -23.42
C THR A 190 8.43 -17.87 -23.22
N LYS A 191 8.87 -19.13 -23.45
CA LYS A 191 10.26 -19.51 -23.28
C LYS A 191 11.16 -18.62 -24.09
N GLY A 192 12.24 -18.14 -23.45
CA GLY A 192 13.23 -17.26 -24.06
C GLY A 192 12.94 -15.76 -23.95
N LYS A 193 11.80 -15.40 -23.41
CA LYS A 193 11.53 -13.96 -23.14
C LYS A 193 11.71 -13.62 -21.67
N ARG A 194 11.96 -12.33 -21.44
CA ARG A 194 12.19 -11.78 -20.10
C ARG A 194 11.01 -10.85 -19.77
N TYR A 195 10.55 -10.95 -18.52
CA TYR A 195 9.29 -10.29 -18.06
C TYR A 195 9.58 -9.37 -16.91
N ARG A 196 9.12 -8.12 -16.97
CA ARG A 196 9.02 -7.30 -15.74
C ARG A 196 7.69 -7.55 -15.01
N PHE A 197 7.77 -8.34 -13.95
CA PHE A 197 6.62 -8.61 -13.10
C PHE A 197 6.56 -7.55 -12.02
N ARG A 198 5.37 -7.01 -11.83
CA ARG A 198 5.18 -5.91 -10.85
C ARG A 198 4.31 -6.45 -9.75
N LEU A 199 4.95 -6.75 -8.63
CA LEU A 199 4.33 -7.43 -7.48
C LEU A 199 3.79 -6.37 -6.50
N VAL A 200 2.48 -6.41 -6.30
CA VAL A 200 1.80 -5.40 -5.43
C VAL A 200 1.06 -6.11 -4.30
N SER A 201 1.36 -5.75 -3.04
CA SER A 201 0.53 -6.24 -1.93
C SER A 201 -0.65 -5.33 -1.66
N LEU A 202 -1.84 -5.86 -1.94
CA LEU A 202 -3.12 -5.20 -1.58
C LEU A 202 -3.64 -5.67 -0.19
N SER A 203 -2.76 -6.28 0.58
CA SER A 203 -3.18 -6.91 1.85
C SER A 203 -3.70 -5.89 2.86
N CYS A 204 -4.77 -6.27 3.58
CA CYS A 204 -5.18 -5.58 4.80
C CYS A 204 -4.43 -5.97 6.06
N ASP A 205 -3.66 -7.05 6.04
CA ASP A 205 -3.01 -7.46 7.29
C ASP A 205 -1.80 -8.38 7.03
N PRO A 206 -2.01 -9.64 6.56
CA PRO A 206 -0.82 -10.50 6.50
C PRO A 206 0.25 -10.04 5.51
N ASN A 207 1.51 -10.37 5.82
CA ASN A 207 2.56 -10.28 4.83
C ASN A 207 2.71 -11.62 4.13
N HIS A 208 3.39 -11.62 2.99
CA HIS A 208 3.49 -12.88 2.16
C HIS A 208 4.89 -13.15 1.76
N THR A 209 5.29 -14.42 1.79
CA THR A 209 6.58 -14.78 1.35
C THR A 209 6.44 -15.42 -0.02
N PHE A 210 6.90 -14.69 -1.03
CA PHE A 210 6.63 -14.98 -2.43
C PHE A 210 7.81 -15.64 -3.11
N SER A 211 7.52 -16.73 -3.84
CA SER A 211 8.60 -17.45 -4.59
C SER A 211 7.97 -18.16 -5.78
N ILE A 212 8.82 -18.54 -6.76
CA ILE A 212 8.28 -19.23 -7.95
C ILE A 212 9.19 -20.46 -8.14
N ASP A 213 8.59 -21.66 -8.10
CA ASP A 213 9.42 -22.86 -8.22
C ASP A 213 10.25 -22.82 -9.49
N GLY A 214 11.52 -23.21 -9.34
CA GLY A 214 12.44 -23.40 -10.46
C GLY A 214 13.02 -22.13 -11.03
N HIS A 215 12.58 -20.95 -10.52
CA HIS A 215 13.02 -19.67 -11.09
C HIS A 215 13.62 -18.75 -10.03
N THR A 216 14.53 -17.88 -10.43
CA THR A 216 14.96 -16.76 -9.55
C THR A 216 14.32 -15.46 -10.07
N MET A 217 14.51 -14.39 -9.30
CA MET A 217 13.85 -13.09 -9.60
C MET A 217 14.91 -12.00 -9.43
N THR A 218 14.99 -11.05 -10.37
CA THR A 218 15.98 -9.97 -10.21
C THR A 218 15.18 -8.68 -9.82
N VAL A 219 15.30 -8.27 -8.57
CA VAL A 219 14.48 -7.16 -8.07
C VAL A 219 15.11 -5.84 -8.58
N ILE A 220 14.28 -4.94 -9.14
CA ILE A 220 14.78 -3.71 -9.79
C ILE A 220 14.08 -2.44 -9.31
N GLU A 221 13.01 -2.56 -8.53
CA GLU A 221 12.25 -1.38 -8.01
C GLU A 221 11.61 -1.77 -6.67
N ALA A 222 11.57 -0.87 -5.67
CA ALA A 222 10.85 -1.11 -4.42
C ALA A 222 10.00 0.12 -4.18
N ASP A 223 8.68 -0.11 -3.97
CA ASP A 223 7.77 1.03 -3.64
C ASP A 223 8.03 2.29 -4.52
N SER A 224 8.13 2.02 -5.82
CA SER A 224 8.26 3.04 -6.86
C SER A 224 9.63 3.70 -6.93
N VAL A 225 10.65 3.14 -6.29
CA VAL A 225 12.00 3.73 -6.33
C VAL A 225 12.92 2.74 -7.08
N ASN A 226 13.61 3.19 -8.14
CA ASN A 226 14.48 2.29 -8.87
C ASN A 226 15.67 1.85 -8.01
N LEU A 227 16.01 0.57 -8.12
CA LEU A 227 17.11 -0.01 -7.32
C LEU A 227 18.26 -0.45 -8.22
N LYS A 228 19.46 -0.63 -7.62
CA LYS A 228 20.47 -1.48 -8.27
C LYS A 228 19.91 -2.92 -8.34
N PRO A 229 20.08 -3.62 -9.46
CA PRO A 229 19.44 -4.97 -9.56
C PRO A 229 19.97 -5.96 -8.54
N GLN A 230 19.08 -6.72 -7.91
CA GLN A 230 19.49 -7.70 -6.88
C GLN A 230 18.79 -9.04 -7.14
N VAL A 231 19.57 -10.10 -7.39
CA VAL A 231 18.99 -11.46 -7.61
C VAL A 231 18.52 -12.04 -6.27
N VAL A 232 17.29 -12.57 -6.22
CA VAL A 232 16.79 -13.21 -5.00
C VAL A 232 16.03 -14.45 -5.48
N ASP A 233 15.73 -15.35 -4.53
CA ASP A 233 14.85 -16.45 -4.86
C ASP A 233 13.60 -16.52 -3.98
N SER A 234 13.39 -15.48 -3.14
CA SER A 234 12.16 -15.33 -2.38
C SER A 234 12.10 -13.87 -1.90
N ILE A 235 10.88 -13.39 -1.78
CA ILE A 235 10.64 -11.98 -1.33
C ILE A 235 9.56 -12.04 -0.26
N GLN A 236 9.86 -11.54 0.94
CA GLN A 236 8.83 -11.31 1.97
C GLN A 236 8.34 -9.90 1.72
N ILE A 237 7.08 -9.80 1.34
CA ILE A 237 6.46 -8.49 0.98
C ILE A 237 5.38 -8.16 2.00
N PHE A 238 5.48 -6.97 2.60
CA PHE A 238 4.57 -6.57 3.63
C PHE A 238 3.38 -5.83 3.01
N ALA A 239 2.27 -5.78 3.76
CA ALA A 239 1.05 -5.05 3.29
C ALA A 239 1.43 -3.67 2.71
N ALA A 240 0.94 -3.41 1.49
CA ALA A 240 1.05 -2.09 0.80
C ALA A 240 2.41 -1.88 0.07
N GLN A 241 3.40 -2.78 0.25
CA GLN A 241 4.64 -2.69 -0.52
C GLN A 241 4.49 -3.10 -2.00
N ARG A 242 5.43 -2.64 -2.83
CA ARG A 242 5.58 -3.11 -4.20
C ARG A 242 7.02 -3.43 -4.54
N TYR A 243 7.20 -4.44 -5.41
CA TYR A 243 8.50 -4.68 -6.01
C TYR A 243 8.32 -5.00 -7.46
N SER A 244 9.22 -4.50 -8.31
CA SER A 244 9.33 -5.04 -9.68
C SER A 244 10.45 -6.04 -9.69
N PHE A 245 10.24 -7.17 -10.38
CA PHE A 245 11.37 -8.12 -10.53
C PHE A 245 11.35 -8.62 -11.96
N VAL A 246 12.54 -8.92 -12.49
CA VAL A 246 12.62 -9.48 -13.82
C VAL A 246 12.69 -11.01 -13.72
N LEU A 247 11.84 -11.69 -14.49
CA LEU A 247 11.89 -13.17 -14.57
C LEU A 247 12.31 -13.54 -15.98
N ASN A 248 13.35 -14.37 -16.07
CA ASN A 248 13.81 -14.90 -17.36
C ASN A 248 13.17 -16.29 -17.54
N ALA A 249 12.32 -16.43 -18.54
CA ALA A 249 11.57 -17.66 -18.73
C ALA A 249 12.50 -18.60 -19.49
N ASP A 250 13.51 -19.12 -18.80
CA ASP A 250 14.57 -19.89 -19.49
C ASP A 250 14.61 -21.34 -19.01
N GLN A 251 13.58 -21.76 -18.27
CA GLN A 251 13.42 -23.16 -17.84
C GLN A 251 12.70 -24.02 -18.87
N ASP A 252 12.63 -25.33 -18.64
CA ASP A 252 11.82 -26.21 -19.50
C ASP A 252 10.38 -25.72 -19.58
N ILE A 253 9.79 -25.72 -20.78
CA ILE A 253 8.35 -25.53 -20.92
C ILE A 253 7.56 -26.47 -19.97
N GLY A 254 6.66 -25.90 -19.19
CA GLY A 254 5.93 -26.64 -18.19
C GLY A 254 5.17 -25.70 -17.28
N ASN A 255 4.59 -26.27 -16.22
CA ASN A 255 3.82 -25.52 -15.20
C ASN A 255 4.61 -25.48 -13.91
N TYR A 256 4.75 -24.30 -13.31
CA TYR A 256 5.53 -24.12 -12.08
C TYR A 256 4.65 -23.44 -11.03
N TRP A 257 4.71 -23.91 -9.78
CA TRP A 257 3.95 -23.25 -8.71
C TRP A 257 4.51 -21.85 -8.41
N ILE A 258 3.56 -20.91 -8.32
CA ILE A 258 3.81 -19.56 -7.73
C ILE A 258 3.25 -19.62 -6.31
N ARG A 259 4.09 -19.25 -5.33
CA ARG A 259 3.76 -19.46 -3.91
C ARG A 259 3.73 -18.13 -3.20
N ALA A 260 2.71 -17.93 -2.37
CA ALA A 260 2.64 -16.71 -1.53
C ALA A 260 2.20 -17.08 -0.13
N MET A 261 3.20 -17.42 0.70
CA MET A 261 2.89 -17.93 2.04
C MET A 261 2.60 -16.76 3.02
N PRO A 262 1.38 -16.71 3.59
CA PRO A 262 1.07 -15.64 4.55
C PRO A 262 1.65 -15.95 5.93
N ASN A 263 1.77 -14.92 6.77
CA ASN A 263 2.25 -15.14 8.15
C ASN A 263 1.12 -15.59 9.11
N SER A 264 -0.11 -15.69 8.61
CA SER A 264 -1.27 -16.03 9.44
C SER A 264 -2.32 -16.68 8.57
N GLY A 265 -3.36 -17.24 9.20
CA GLY A 265 -4.34 -18.04 8.44
C GLY A 265 -3.69 -19.39 8.12
N THR A 266 -4.16 -20.05 7.06
CA THR A 266 -3.58 -21.31 6.61
C THR A 266 -2.25 -20.98 5.97
N ARG A 267 -1.18 -21.58 6.45
CA ARG A 267 0.17 -21.21 6.00
C ARG A 267 0.87 -22.23 5.08
N ASN A 268 0.20 -23.32 4.78
CA ASN A 268 0.77 -24.35 3.92
C ASN A 268 0.23 -24.19 2.51
N PHE A 269 0.62 -25.10 1.61
CA PHE A 269 0.12 -25.03 0.26
C PHE A 269 -0.76 -26.22 -0.08
N ASP A 270 -1.27 -26.90 0.94
CA ASP A 270 -2.04 -28.14 0.64
C ASP A 270 -3.23 -27.85 -0.24
N GLY A 271 -3.42 -28.67 -1.27
CA GLY A 271 -4.59 -28.50 -2.13
C GLY A 271 -4.49 -27.28 -3.03
N GLY A 272 -3.31 -26.66 -3.06
CA GLY A 272 -3.05 -25.51 -3.92
C GLY A 272 -3.53 -24.20 -3.29
N VAL A 273 -3.82 -24.19 -1.99
CA VAL A 273 -4.04 -22.88 -1.31
C VAL A 273 -2.73 -22.05 -1.34
N ASN A 274 -2.91 -20.72 -1.24
CA ASN A 274 -1.75 -19.78 -1.23
C ASN A 274 -0.88 -19.88 -2.48
N SER A 275 -1.51 -20.22 -3.60
CA SER A 275 -0.75 -20.58 -4.81
C SER A 275 -1.42 -20.03 -6.09
N ALA A 276 -0.57 -19.94 -7.14
CA ALA A 276 -1.01 -19.67 -8.54
C ALA A 276 -0.13 -20.47 -9.47
N ILE A 277 -0.33 -20.32 -10.80
CA ILE A 277 0.38 -21.14 -11.78
C ILE A 277 1.16 -20.27 -12.75
N LEU A 278 2.47 -20.54 -12.86
CA LEU A 278 3.29 -19.97 -13.95
C LEU A 278 3.24 -20.97 -15.10
N ARG A 279 2.63 -20.57 -16.22
CA ARG A 279 2.44 -21.56 -17.35
C ARG A 279 3.21 -21.09 -18.56
N TYR A 280 4.20 -21.88 -19.01
CA TYR A 280 4.91 -21.61 -20.27
C TYR A 280 4.01 -21.98 -21.43
N ASP A 281 4.00 -21.13 -22.48
CA ASP A 281 3.30 -21.46 -23.73
C ASP A 281 3.75 -22.84 -24.18
N GLY A 282 2.78 -23.68 -24.55
CA GLY A 282 3.07 -25.07 -24.92
C GLY A 282 2.89 -26.10 -23.81
N ALA A 283 2.75 -25.65 -22.56
CA ALA A 283 2.46 -26.56 -21.47
C ALA A 283 1.01 -27.03 -21.49
N ASP A 284 0.82 -28.26 -21.01
CA ASP A 284 -0.48 -28.82 -20.70
C ASP A 284 -1.20 -27.89 -19.76
N PRO A 285 -2.46 -27.58 -20.08
CA PRO A 285 -3.21 -26.74 -19.12
C PRO A 285 -3.61 -27.50 -17.82
N VAL A 286 -2.64 -27.94 -17.03
CA VAL A 286 -2.94 -28.61 -15.77
C VAL A 286 -2.17 -27.93 -14.63
N GLU A 287 -2.38 -28.39 -13.40
CA GLU A 287 -1.67 -27.82 -12.27
C GLU A 287 -0.24 -28.25 -12.28
N PRO A 288 0.68 -27.42 -11.75
CA PRO A 288 2.07 -27.83 -11.57
C PRO A 288 2.20 -29.01 -10.62
N THR A 289 3.30 -29.72 -10.74
CA THR A 289 3.66 -30.77 -9.80
C THR A 289 5.08 -30.48 -9.33
N THR A 290 5.52 -29.21 -9.43
CA THR A 290 6.86 -28.86 -9.02
C THR A 290 6.98 -28.87 -7.48
N THR A 291 8.19 -29.00 -6.97
CA THR A 291 8.39 -28.98 -5.52
C THR A 291 9.28 -27.79 -5.16
N GLN A 292 9.05 -27.25 -3.97
CA GLN A 292 9.75 -26.06 -3.52
C GLN A 292 11.15 -26.39 -3.03
N THR A 293 12.14 -25.60 -3.43
CA THR A 293 13.47 -25.69 -2.86
C THR A 293 13.57 -24.65 -1.74
N PRO A 294 14.32 -24.94 -0.67
CA PRO A 294 14.49 -23.87 0.33
C PRO A 294 15.09 -22.59 -0.30
N SER A 295 14.73 -21.43 0.22
CA SER A 295 15.32 -20.19 -0.29
C SER A 295 16.78 -20.04 0.18
N SER A 296 17.72 -19.91 -0.74
CA SER A 296 19.08 -19.61 -0.31
C SER A 296 19.50 -18.16 -0.57
N GLN A 297 18.65 -17.38 -1.24
CA GLN A 297 19.01 -15.98 -1.57
C GLN A 297 17.77 -15.12 -1.31
N PRO A 298 17.24 -15.16 -0.08
CA PRO A 298 16.06 -14.33 0.17
C PRO A 298 16.37 -12.84 0.01
N LEU A 299 15.37 -12.05 -0.36
CA LEU A 299 15.58 -10.58 -0.29
C LEU A 299 15.90 -10.13 1.16
N VAL A 300 16.90 -9.24 1.28
CA VAL A 300 17.28 -8.64 2.55
C VAL A 300 17.22 -7.12 2.33
N GLU A 301 16.33 -6.44 3.09
CA GLU A 301 16.13 -5.02 2.83
C GLU A 301 17.42 -4.18 2.98
N SER A 302 18.24 -4.48 3.99
CA SER A 302 19.44 -3.66 4.24
C SER A 302 20.45 -3.80 3.08
N ALA A 303 20.29 -4.82 2.23
CA ALA A 303 21.22 -5.04 1.14
C ALA A 303 20.76 -4.33 -0.14
N LEU A 304 19.50 -3.89 -0.16
CA LEU A 304 18.97 -3.15 -1.32
C LEU A 304 19.55 -1.74 -1.27
N THR A 305 19.73 -1.16 -2.46
CA THR A 305 20.19 0.22 -2.54
C THR A 305 19.56 0.89 -3.76
N THR A 306 19.49 2.20 -3.77
CA THR A 306 18.82 2.86 -4.94
C THR A 306 19.75 2.80 -6.17
N LEU A 307 19.13 2.88 -7.33
CA LEU A 307 19.89 2.88 -8.61
C LEU A 307 20.83 4.10 -8.63
N GLU A 308 20.36 5.23 -8.13
CA GLU A 308 21.08 6.49 -8.30
C GLU A 308 22.00 6.79 -7.13
N GLY A 309 22.12 5.87 -6.17
CA GLY A 309 23.16 6.05 -5.10
C GLY A 309 22.78 7.16 -4.12
N THR A 310 21.50 7.45 -3.94
CA THR A 310 21.06 8.61 -3.18
C THR A 310 21.39 8.48 -1.69
N ALA A 311 22.04 9.52 -1.12
CA ALA A 311 22.35 9.46 0.32
C ALA A 311 21.08 9.73 1.12
N ALA A 312 21.08 9.30 2.38
CA ALA A 312 20.02 9.75 3.28
C ALA A 312 20.11 11.26 3.47
N PRO A 313 19.00 11.91 3.71
CA PRO A 313 19.03 13.36 4.09
C PRO A 313 19.81 13.58 5.36
N GLY A 314 20.46 14.74 5.50
CA GLY A 314 21.18 15.05 6.72
C GLY A 314 22.62 14.57 6.78
N SER A 315 23.18 14.60 7.98
CA SER A 315 24.57 14.19 8.22
C SER A 315 24.62 12.71 8.58
N PRO A 316 25.72 12.00 8.22
CA PRO A 316 25.82 10.53 8.40
C PRO A 316 26.16 10.17 9.84
N THR A 317 25.33 10.61 10.77
CA THR A 317 25.51 10.41 12.18
C THR A 317 24.10 10.35 12.80
N ALA A 318 23.91 9.48 13.77
CA ALA A 318 22.62 9.36 14.48
C ALA A 318 22.18 10.72 15.05
N GLY A 319 20.91 11.07 14.86
CA GLY A 319 20.49 12.42 15.22
C GLY A 319 21.01 13.59 14.40
N GLY A 320 21.77 13.36 13.31
CA GLY A 320 22.28 14.43 12.42
C GLY A 320 21.27 14.99 11.41
N VAL A 321 20.19 15.51 11.97
CA VAL A 321 19.10 16.10 11.22
C VAL A 321 18.60 17.34 11.92
N ASP A 322 17.65 18.03 11.32
CA ASP A 322 17.04 19.19 11.93
C ASP A 322 16.08 18.83 13.06
N LEU A 323 15.30 17.75 12.89
CA LEU A 323 14.35 17.34 13.88
C LEU A 323 14.30 15.82 13.92
N ALA A 324 14.54 15.24 15.10
CA ALA A 324 14.49 13.79 15.29
C ALA A 324 13.36 13.47 16.23
N ILE A 325 12.52 12.47 15.87
CA ILE A 325 11.36 12.09 16.68
C ILE A 325 11.35 10.59 16.90
N ASN A 326 11.17 10.14 18.14
CA ASN A 326 11.02 8.71 18.43
C ASN A 326 9.55 8.38 18.68
N MET A 327 9.07 7.32 18.04
CA MET A 327 7.67 6.90 18.20
C MET A 327 7.56 5.65 19.09
N ALA A 328 7.09 5.82 20.32
CA ALA A 328 6.99 4.75 21.30
C ALA A 328 5.59 4.12 21.20
N PHE A 329 5.55 2.87 20.77
CA PHE A 329 4.29 2.16 20.55
C PHE A 329 3.76 1.58 21.86
N GLY A 330 2.45 1.53 21.97
CA GLY A 330 1.79 0.90 23.13
C GLY A 330 0.36 0.52 22.81
N PHE A 331 -0.37 0.17 23.86
CA PHE A 331 -1.75 -0.29 23.69
C PHE A 331 -2.46 0.00 25.02
N ALA A 332 -3.65 0.60 24.95
CA ALA A 332 -4.40 0.97 26.19
C ALA A 332 -5.87 1.01 25.83
N GLY A 333 -6.72 0.44 26.70
CA GLY A 333 -8.17 0.45 26.45
C GLY A 333 -8.59 -0.09 25.09
N GLY A 334 -7.91 -1.15 24.64
CA GLY A 334 -8.25 -1.78 23.38
C GLY A 334 -7.86 -0.96 22.16
N ARG A 335 -7.05 0.08 22.32
CA ARG A 335 -6.56 0.84 21.19
C ARG A 335 -5.04 0.99 21.19
N PHE A 336 -4.47 1.11 19.98
CA PHE A 336 -3.03 1.39 19.89
C PHE A 336 -2.69 2.81 20.29
N THR A 337 -1.48 2.98 20.84
CA THR A 337 -1.01 4.32 21.12
C THR A 337 0.41 4.55 20.52
N ILE A 338 0.68 5.81 20.20
CA ILE A 338 2.00 6.26 19.81
C ILE A 338 2.34 7.45 20.71
N ASN A 339 3.40 7.29 21.48
CA ASN A 339 3.77 8.30 22.49
C ASN A 339 2.58 8.65 23.41
N GLY A 340 1.86 7.60 23.76
CA GLY A 340 0.76 7.74 24.74
C GLY A 340 -0.60 8.13 24.16
N ALA A 341 -0.68 8.46 22.86
CA ALA A 341 -1.92 8.93 22.24
C ALA A 341 -2.44 7.93 21.20
N SER A 342 -3.77 7.73 21.22
CA SER A 342 -4.41 6.90 20.18
C SER A 342 -5.10 7.82 19.18
N PHE A 343 -4.99 7.55 17.87
CA PHE A 343 -5.62 8.43 16.89
C PHE A 343 -7.11 8.11 16.90
N THR A 344 -7.95 9.12 17.11
CA THR A 344 -9.36 8.92 16.83
C THR A 344 -9.74 9.96 15.75
N PRO A 345 -10.43 9.51 14.70
CA PRO A 345 -10.69 10.46 13.63
C PRO A 345 -11.48 11.69 14.12
N PRO A 346 -11.04 12.88 13.71
CA PRO A 346 -11.78 14.10 14.13
C PRO A 346 -13.00 14.34 13.25
N THR A 347 -13.95 15.09 13.78
CA THR A 347 -15.15 15.49 12.99
C THR A 347 -14.82 16.37 11.81
N VAL A 348 -13.87 17.31 12.04
CA VAL A 348 -13.43 18.16 10.93
C VAL A 348 -12.08 17.62 10.40
N PRO A 349 -11.96 17.31 9.11
CA PRO A 349 -10.68 16.72 8.63
C PRO A 349 -9.51 17.64 8.94
N VAL A 350 -8.35 17.05 9.28
CA VAL A 350 -7.20 17.86 9.66
C VAL A 350 -6.90 18.98 8.62
N LEU A 351 -6.92 18.66 7.33
CA LEU A 351 -6.66 19.71 6.29
C LEU A 351 -7.70 20.84 6.44
N LEU A 352 -8.98 20.49 6.61
CA LEU A 352 -10.00 21.55 6.73
C LEU A 352 -9.79 22.34 8.03
N GLN A 353 -9.32 21.72 9.12
CA GLN A 353 -8.98 22.51 10.32
C GLN A 353 -7.91 23.57 10.00
N ILE A 354 -6.88 23.19 9.24
CA ILE A 354 -5.80 24.12 8.87
C ILE A 354 -6.41 25.25 8.00
N LEU A 355 -7.22 24.86 7.01
CA LEU A 355 -7.73 25.84 6.04
C LEU A 355 -8.77 26.78 6.72
N SER A 356 -9.33 26.36 7.84
CA SER A 356 -10.31 27.14 8.59
C SER A 356 -9.66 28.03 9.63
N GLY A 357 -8.32 27.95 9.78
CA GLY A 357 -7.64 28.90 10.64
C GLY A 357 -6.74 28.35 11.72
N ALA A 358 -6.58 27.02 11.84
CA ALA A 358 -5.64 26.46 12.87
C ALA A 358 -4.23 26.84 12.43
N GLN A 359 -3.45 27.47 13.31
CA GLN A 359 -2.21 28.10 12.82
C GLN A 359 -0.97 27.30 13.20
N ASN A 360 -1.14 26.34 14.10
CA ASN A 360 -0.04 25.47 14.49
C ASN A 360 -0.51 24.10 14.90
N ALA A 361 0.45 23.18 15.00
CA ALA A 361 0.06 21.81 15.20
C ALA A 361 -0.61 21.64 16.54
N GLN A 362 -0.27 22.48 17.52
CA GLN A 362 -0.90 22.41 18.84
C GLN A 362 -2.41 22.72 18.82
N ASP A 363 -2.89 23.40 17.77
CA ASP A 363 -4.30 23.78 17.66
C ASP A 363 -5.12 22.64 16.99
N LEU A 364 -4.43 21.61 16.46
CA LEU A 364 -5.14 20.59 15.65
C LEU A 364 -5.67 19.42 16.45
N LEU A 365 -6.82 18.89 16.03
CA LEU A 365 -7.43 17.71 16.68
C LEU A 365 -7.20 16.49 15.78
N PRO A 366 -6.93 15.30 16.36
CA PRO A 366 -7.01 14.97 17.80
C PRO A 366 -5.74 15.33 18.53
N THR A 367 -5.93 15.89 19.74
CA THR A 367 -4.83 16.39 20.56
C THR A 367 -3.96 15.18 20.94
N GLY A 368 -2.64 15.33 20.82
CA GLY A 368 -1.71 14.27 21.18
C GLY A 368 -1.21 13.48 19.96
N SER A 369 -1.92 13.61 18.83
CA SER A 369 -1.59 12.78 17.65
C SER A 369 -0.91 13.54 16.50
N VAL A 370 -0.71 14.85 16.65
CA VAL A 370 -0.29 15.67 15.54
C VAL A 370 1.09 16.29 15.84
N TYR A 371 2.00 16.16 14.89
CA TYR A 371 3.43 16.60 14.99
C TYR A 371 3.70 17.69 13.99
N SER A 372 4.19 18.84 14.49
CA SER A 372 4.65 19.89 13.59
C SER A 372 5.95 19.50 12.93
N LEU A 373 6.04 19.71 11.62
CA LEU A 373 7.33 19.60 10.91
C LEU A 373 7.62 20.92 10.21
N PRO A 374 8.85 21.43 10.38
CA PRO A 374 9.25 22.62 9.68
C PRO A 374 9.55 22.40 8.20
N ALA A 375 9.40 23.45 7.38
CA ALA A 375 9.70 23.36 5.96
C ALA A 375 11.20 23.20 5.70
N ASN A 376 11.53 22.50 4.62
CA ASN A 376 12.90 22.46 4.09
C ASN A 376 13.87 22.00 5.16
N ALA A 377 13.50 20.87 5.76
CA ALA A 377 14.25 20.34 6.89
C ALA A 377 14.48 18.86 6.68
N ASP A 378 15.55 18.34 7.30
CA ASP A 378 15.81 16.89 7.39
C ASP A 378 15.22 16.33 8.68
N ILE A 379 14.40 15.27 8.54
CA ILE A 379 13.69 14.65 9.65
C ILE A 379 14.15 13.20 9.81
N GLU A 380 14.34 12.76 11.05
CA GLU A 380 14.66 11.34 11.36
C GLU A 380 13.64 10.82 12.32
N ILE A 381 12.99 9.72 11.96
CA ILE A 381 11.94 9.11 12.82
C ILE A 381 12.37 7.66 13.14
N SER A 382 12.42 7.32 14.46
CA SER A 382 12.75 5.96 14.88
C SER A 382 11.44 5.34 15.37
N LEU A 383 11.27 4.05 15.06
CA LEU A 383 10.02 3.30 15.32
C LEU A 383 10.33 1.97 15.97
N PRO A 384 10.90 2.03 17.19
CA PRO A 384 11.40 0.77 17.81
C PRO A 384 10.30 -0.30 18.05
N ALA A 385 10.56 -1.53 17.63
CA ALA A 385 9.54 -2.56 17.75
C ALA A 385 9.29 -2.89 19.25
N THR A 386 8.06 -3.28 19.51
CA THR A 386 7.68 -3.74 20.84
C THR A 386 6.49 -4.68 20.83
N ALA A 387 6.55 -5.73 21.66
CA ALA A 387 5.39 -6.62 21.83
C ALA A 387 4.23 -5.91 22.54
N ALA A 388 4.48 -4.70 23.12
CA ALA A 388 3.41 -3.93 23.69
C ALA A 388 2.37 -3.44 22.69
N ALA A 389 2.73 -3.44 21.40
CA ALA A 389 1.78 -3.15 20.30
C ALA A 389 1.52 -4.48 19.64
N PRO A 390 0.37 -5.12 19.98
CA PRO A 390 0.17 -6.49 19.52
C PRO A 390 0.02 -6.61 17.98
N GLY A 391 0.39 -7.77 17.44
CA GLY A 391 0.27 -7.99 15.98
C GLY A 391 1.47 -7.48 15.19
N PHE A 392 2.61 -7.28 15.85
CA PHE A 392 3.85 -7.00 15.13
C PHE A 392 4.27 -8.21 14.24
N PRO A 393 5.04 -7.98 13.17
CA PRO A 393 5.66 -6.71 12.74
C PRO A 393 4.69 -5.78 11.99
N HIS A 394 4.72 -4.51 12.41
CA HIS A 394 3.85 -3.47 11.88
C HIS A 394 4.49 -2.74 10.70
N PRO A 395 3.89 -2.78 9.51
CA PRO A 395 4.47 -2.09 8.33
C PRO A 395 3.92 -0.65 8.29
N PHE A 396 4.79 0.33 8.55
CA PHE A 396 4.34 1.71 8.61
C PHE A 396 4.48 2.40 7.28
N HIS A 397 3.50 3.25 6.96
CA HIS A 397 3.46 4.00 5.70
C HIS A 397 3.44 5.51 6.00
N LEU A 398 4.32 6.28 5.30
CA LEU A 398 4.29 7.76 5.41
C LEU A 398 3.69 8.29 4.10
N HIS A 399 2.62 9.05 4.21
CA HIS A 399 2.02 9.72 3.04
C HIS A 399 2.88 10.89 2.60
N GLY A 400 2.74 11.25 1.32
CA GLY A 400 3.37 12.50 0.83
C GLY A 400 4.86 12.46 0.55
N HIS A 401 5.50 11.31 0.80
CA HIS A 401 6.97 11.25 0.83
C HIS A 401 7.47 9.84 0.58
N THR A 402 8.67 9.77 0.01
CA THR A 402 9.50 8.56 0.06
C THR A 402 10.47 8.81 1.23
N PHE A 403 11.01 7.77 1.84
CA PHE A 403 11.96 7.96 2.96
C PHE A 403 13.12 6.97 2.81
N ALA A 404 14.28 7.39 3.30
CA ALA A 404 15.45 6.52 3.36
C ALA A 404 15.30 5.62 4.58
N VAL A 405 15.48 4.29 4.38
CA VAL A 405 15.45 3.38 5.55
C VAL A 405 16.90 3.22 6.01
N VAL A 406 17.28 4.07 6.96
CA VAL A 406 18.70 4.07 7.43
C VAL A 406 19.01 2.82 8.28
N ARG A 407 17.99 2.28 8.98
CA ARG A 407 18.12 1.00 9.71
C ARG A 407 16.85 0.18 9.45
N SER A 408 17.09 -1.03 8.93
CA SER A 408 15.99 -1.97 8.62
C SER A 408 15.74 -2.97 9.77
N ALA A 409 14.61 -3.68 9.70
CA ALA A 409 14.31 -4.73 10.68
C ALA A 409 15.29 -5.88 10.53
N GLY A 410 15.70 -6.44 11.67
CA GLY A 410 16.58 -7.59 11.65
C GLY A 410 18.03 -7.23 11.36
N SER A 411 18.36 -5.94 11.41
CA SER A 411 19.70 -5.48 11.14
C SER A 411 20.09 -4.50 12.22
N SER A 412 21.35 -4.55 12.69
CA SER A 412 21.81 -3.55 13.66
C SER A 412 22.54 -2.39 13.03
N THR A 413 22.71 -2.41 11.72
CA THR A 413 23.55 -1.37 11.09
C THR A 413 22.73 -0.15 10.65
N TYR A 414 23.40 0.99 10.63
CA TYR A 414 22.86 2.25 10.09
C TYR A 414 23.58 2.56 8.78
N ASN A 415 22.80 2.86 7.75
CA ASN A 415 23.38 3.22 6.44
C ASN A 415 22.89 4.62 6.04
N TYR A 416 23.78 5.63 6.10
CA TYR A 416 23.44 6.99 5.63
C TYR A 416 23.90 7.26 4.22
N ALA A 417 24.83 6.46 3.73
CA ALA A 417 25.47 6.71 2.42
C ALA A 417 24.62 6.28 1.22
N ASN A 418 24.00 5.09 1.32
CA ASN A 418 23.20 4.59 0.19
C ASN A 418 22.10 3.60 0.61
N PRO A 419 21.27 4.02 1.55
CA PRO A 419 20.18 3.14 1.99
C PRO A 419 19.10 3.05 0.90
N VAL A 420 18.34 1.96 0.93
CA VAL A 420 17.10 1.92 0.10
C VAL A 420 16.17 3.08 0.50
N TYR A 421 15.39 3.57 -0.47
CA TYR A 421 14.25 4.47 -0.17
C TYR A 421 12.98 3.73 -0.52
N ARG A 422 11.92 3.99 0.26
CA ARG A 422 10.63 3.34 -0.06
C ARG A 422 9.52 4.10 0.67
N ASP A 423 8.30 3.53 0.69
CA ASP A 423 7.20 4.29 1.37
C ASP A 423 6.39 3.46 2.38
N VAL A 424 6.72 2.16 2.49
CA VAL A 424 6.12 1.28 3.56
C VAL A 424 7.29 0.45 4.07
N VAL A 425 7.47 0.43 5.41
CA VAL A 425 8.58 -0.34 5.97
C VAL A 425 8.13 -1.17 7.17
N SER A 426 8.52 -2.45 7.18
CA SER A 426 8.27 -3.22 8.40
C SER A 426 9.08 -2.67 9.54
N THR A 427 8.41 -2.49 10.67
CA THR A 427 9.10 -2.02 11.90
C THR A 427 9.58 -3.22 12.74
N GLY A 428 9.34 -4.45 12.27
CA GLY A 428 10.07 -5.61 12.80
C GLY A 428 9.60 -6.11 14.19
N SER A 429 10.57 -6.65 14.94
CA SER A 429 10.25 -7.36 16.21
C SER A 429 11.14 -6.85 17.33
N PRO A 430 10.78 -7.14 18.60
CA PRO A 430 11.56 -6.60 19.69
C PRO A 430 13.07 -6.81 19.53
N GLY A 431 13.80 -5.72 19.78
CA GLY A 431 15.25 -5.63 19.54
C GLY A 431 15.54 -4.73 18.34
N ASP A 432 14.56 -4.59 17.46
CA ASP A 432 14.78 -3.73 16.27
C ASP A 432 14.58 -2.24 16.62
N ASN A 433 15.18 -1.35 15.77
CA ASN A 433 14.91 0.06 15.88
C ASN A 433 14.96 0.66 14.48
N VAL A 434 13.94 0.30 13.72
CA VAL A 434 13.80 0.76 12.33
C VAL A 434 13.73 2.29 12.32
N THR A 435 14.63 2.93 11.50
CA THR A 435 14.82 4.37 11.58
C THR A 435 14.80 4.87 10.13
N ILE A 436 13.99 5.93 9.89
CA ILE A 436 13.82 6.46 8.54
C ILE A 436 14.14 7.97 8.51
N ARG A 437 14.49 8.47 7.33
CA ARG A 437 14.77 9.92 7.17
C ARG A 437 14.08 10.42 5.90
N PHE A 438 13.60 11.67 5.98
CA PHE A 438 13.03 12.30 4.77
C PHE A 438 13.21 13.81 4.85
N ARG A 439 13.06 14.49 3.70
CA ARG A 439 13.17 15.93 3.66
C ARG A 439 11.77 16.56 3.51
N THR A 440 11.50 17.62 4.27
CA THR A 440 10.16 18.28 4.23
C THR A 440 10.07 19.22 3.01
N ASP A 441 9.63 18.69 1.90
CA ASP A 441 9.53 19.44 0.67
C ASP A 441 8.08 19.49 0.18
N ASN A 442 7.12 19.30 1.09
CA ASN A 442 5.74 19.04 0.62
C ASN A 442 4.70 19.49 1.64
N PRO A 443 4.36 20.78 1.67
CA PRO A 443 3.46 21.27 2.70
C PRO A 443 2.06 20.62 2.72
N GLY A 444 1.65 20.22 3.91
CA GLY A 444 0.31 19.64 4.10
C GLY A 444 0.29 18.68 5.30
N PRO A 445 -0.90 18.27 5.74
CA PRO A 445 -1.00 17.22 6.77
C PRO A 445 -0.90 15.84 6.10
N TRP A 446 0.01 15.01 6.58
CA TRP A 446 0.24 13.69 5.97
C TRP A 446 0.14 12.63 7.04
N PHE A 447 -0.63 11.58 6.73
CA PHE A 447 -0.75 10.46 7.69
C PHE A 447 0.56 9.62 7.78
N LEU A 448 0.82 9.10 9.01
CA LEU A 448 1.94 8.13 9.23
C LEU A 448 1.37 7.06 10.13
N HIS A 449 1.27 5.81 9.63
CA HIS A 449 0.46 4.83 10.38
C HIS A 449 0.79 3.43 9.97
N CYS A 450 0.38 2.45 10.82
CA CYS A 450 0.57 1.04 10.43
C CYS A 450 -0.46 0.73 9.31
N HIS A 451 0.03 0.03 8.26
CA HIS A 451 -0.87 -0.27 7.15
C HIS A 451 -1.59 -1.60 7.32
N ILE A 452 -1.48 -2.25 8.49
CA ILE A 452 -2.45 -3.33 8.84
C ILE A 452 -3.74 -2.54 9.15
N ASP A 453 -4.75 -2.71 8.27
CA ASP A 453 -5.84 -1.76 8.28
C ASP A 453 -6.65 -1.89 9.63
N PHE A 454 -6.70 -3.09 10.17
CA PHE A 454 -7.40 -3.29 11.49
C PHE A 454 -6.69 -2.59 12.63
N HIS A 455 -5.37 -2.41 12.49
CA HIS A 455 -4.63 -1.62 13.51
C HIS A 455 -4.81 -0.10 13.36
N LEU A 456 -4.81 0.37 12.11
CA LEU A 456 -5.16 1.75 11.86
C LEU A 456 -6.56 2.05 12.46
N GLU A 457 -7.52 1.15 12.23
CA GLU A 457 -8.86 1.36 12.77
C GLU A 457 -8.88 1.47 14.32
N ALA A 458 -7.98 0.71 14.96
CA ALA A 458 -7.81 0.82 16.42
C ALA A 458 -6.80 1.90 16.86
N GLY A 459 -6.51 2.87 16.00
CA GLY A 459 -5.86 4.11 16.42
C GLY A 459 -4.36 4.23 16.17
N PHE A 460 -3.77 3.28 15.43
CA PHE A 460 -2.30 3.19 15.34
C PHE A 460 -1.74 4.15 14.28
N ALA A 461 -1.83 5.44 14.57
CA ALA A 461 -1.51 6.46 13.54
C ALA A 461 -1.17 7.78 14.23
N VAL A 462 -0.39 8.59 13.51
CA VAL A 462 -0.18 10.01 13.90
C VAL A 462 -0.29 10.83 12.60
N VAL A 463 -0.34 12.16 12.71
CA VAL A 463 -0.38 13.04 11.53
C VAL A 463 0.84 13.97 11.59
N MET A 464 1.55 14.08 10.46
CA MET A 464 2.70 14.97 10.36
C MET A 464 2.14 16.25 9.72
N ALA A 465 2.06 17.34 10.51
CA ALA A 465 1.55 18.61 9.94
C ALA A 465 2.74 19.42 9.42
N GLU A 466 2.98 19.29 8.13
CA GLU A 466 4.19 19.78 7.50
C GLU A 466 3.97 21.22 6.98
N ASP A 467 4.75 22.16 7.52
CA ASP A 467 4.73 23.56 7.05
C ASP A 467 3.30 24.14 6.98
N ILE A 468 2.62 24.11 8.13
CA ILE A 468 1.25 24.65 8.25
C ILE A 468 1.11 26.06 7.62
N PRO A 469 2.08 26.98 7.84
CA PRO A 469 1.86 28.33 7.28
C PRO A 469 1.71 28.42 5.78
N ASP A 470 2.24 27.44 5.01
CA ASP A 470 2.17 27.48 3.57
C ASP A 470 1.09 26.57 2.98
N VAL A 471 0.39 25.84 3.84
CA VAL A 471 -0.55 24.80 3.35
C VAL A 471 -1.65 25.34 2.41
N ALA A 472 -2.30 26.45 2.79
CA ALA A 472 -3.36 27.00 1.94
C ALA A 472 -2.86 27.50 0.59
N ALA A 473 -1.71 28.18 0.58
CA ALA A 473 -1.19 28.70 -0.68
C ALA A 473 -0.67 27.61 -1.61
N VAL A 474 -0.09 26.55 -1.05
CA VAL A 474 0.52 25.55 -1.87
C VAL A 474 -0.57 24.54 -2.36
N ASN A 475 -1.66 24.41 -1.61
CA ASN A 475 -2.73 23.44 -1.90
C ASN A 475 -4.09 24.14 -2.11
N PRO A 476 -4.25 24.86 -3.24
CA PRO A 476 -5.56 25.43 -3.48
C PRO A 476 -6.62 24.37 -3.71
N VAL A 477 -7.70 24.35 -2.93
CA VAL A 477 -8.69 23.26 -3.02
C VAL A 477 -9.77 23.57 -4.03
N PRO A 478 -10.31 22.55 -4.69
CA PRO A 478 -11.35 22.78 -5.68
C PRO A 478 -12.72 22.90 -5.01
N GLN A 479 -13.66 23.49 -5.73
CA GLN A 479 -14.98 23.65 -5.20
C GLN A 479 -15.63 22.33 -4.71
N ALA A 480 -15.45 21.24 -5.49
CA ALA A 480 -16.03 19.97 -5.09
C ALA A 480 -15.50 19.46 -3.76
N TRP A 481 -14.21 19.74 -3.48
CA TRP A 481 -13.69 19.37 -2.14
C TRP A 481 -14.34 20.16 -1.02
N SER A 482 -14.53 21.48 -1.24
CA SER A 482 -15.19 22.32 -0.21
C SER A 482 -16.63 21.80 0.13
N ASP A 483 -17.29 21.20 -0.87
CA ASP A 483 -18.66 20.66 -0.65
C ASP A 483 -18.72 19.27 0.04
N LEU A 484 -17.57 18.56 0.15
CA LEU A 484 -17.65 17.24 0.76
C LEU A 484 -18.15 17.20 2.20
N CYS A 485 -17.62 18.06 3.10
CA CYS A 485 -18.00 17.95 4.50
C CYS A 485 -19.48 18.35 4.74
N PRO A 486 -19.94 19.48 4.11
CA PRO A 486 -21.37 19.75 4.36
C PRO A 486 -22.30 18.63 3.87
N THR A 487 -21.94 18.01 2.75
CA THR A 487 -22.80 16.92 2.23
C THR A 487 -22.73 15.72 3.14
N TYR A 488 -21.51 15.37 3.56
CA TYR A 488 -21.32 14.22 4.43
C TYR A 488 -22.01 14.37 5.81
N ASN A 489 -21.88 15.57 6.37
CA ASN A 489 -22.43 15.80 7.69
C ASN A 489 -23.93 15.84 7.73
N ALA A 490 -24.53 16.05 6.57
CA ALA A 490 -26.01 16.00 6.46
C ALA A 490 -26.59 14.59 6.40
N LEU A 491 -25.77 13.58 6.15
CA LEU A 491 -26.28 12.21 6.05
C LEU A 491 -26.81 11.65 7.38
N ASP A 492 -27.89 10.88 7.31
CA ASP A 492 -28.31 10.05 8.42
C ASP A 492 -27.14 9.10 8.72
N PRO A 493 -26.88 8.78 10.00
CA PRO A 493 -25.84 7.81 10.39
C PRO A 493 -25.93 6.48 9.64
N ASN A 494 -27.15 5.97 9.40
CA ASN A 494 -27.28 4.69 8.68
C ASN A 494 -26.99 4.80 7.17
N ASP A 495 -26.73 6.00 6.65
CA ASP A 495 -26.42 6.20 5.22
C ASP A 495 -24.91 6.54 5.05
N GLN A 496 -24.16 6.50 6.15
CA GLN A 496 -22.71 6.70 6.05
C GLN A 496 -22.01 5.46 5.48
C1 NAG B . -24.35 -5.80 3.01
C2 NAG B . -25.26 -7.00 2.60
C3 NAG B . -25.16 -8.06 3.68
C4 NAG B . -23.76 -8.54 3.96
C5 NAG B . -22.87 -7.28 4.28
C6 NAG B . -21.41 -7.68 4.47
C7 NAG B . -27.30 -6.91 1.22
C8 NAG B . -28.72 -6.44 1.07
N2 NAG B . -26.64 -6.59 2.35
O3 NAG B . -26.01 -9.17 3.32
O4 NAG B . -23.72 -9.27 5.17
O5 NAG B . -23.05 -6.37 3.21
O6 NAG B . -20.84 -8.26 3.27
O7 NAG B . -26.79 -7.58 0.30
C1 NAG B . -24.02 -10.59 5.15
C2 NAG B . -22.89 -11.52 5.57
C3 NAG B . -23.33 -12.99 5.80
C4 NAG B . -24.63 -13.10 6.61
C5 NAG B . -25.66 -12.16 6.00
C6 NAG B . -27.03 -12.14 6.69
C7 NAG B . -20.59 -11.07 4.92
C8 NAG B . -19.63 -11.02 3.76
N2 NAG B . -21.80 -11.47 4.62
O3 NAG B . -22.30 -13.70 6.45
O4 NAG B . -25.10 -14.36 6.87
O5 NAG B . -25.16 -10.83 5.98
O6 NAG B . -26.67 -11.95 8.17
O6 NAG B . -27.94 -11.47 6.11
O7 NAG B . -20.27 -10.78 6.00
C1 BMA B . -24.79 -15.39 5.89
C2 BMA B . -25.36 -16.72 6.41
C3 BMA B . -25.22 -17.79 5.33
C4 BMA B . -25.73 -17.29 3.98
C5 BMA B . -25.07 -15.94 3.63
C6 BMA B . -25.52 -15.40 2.27
O2 BMA B . -26.75 -16.52 6.61
O3 BMA B . -25.93 -18.99 5.75
O4 BMA B . -25.38 -18.25 2.99
O5 BMA B . -25.43 -15.02 4.68
O6 BMA B . -26.96 -15.40 2.20
C1 MAN B . -27.49 -15.05 0.90
C2 MAN B . -28.95 -14.66 1.08
C3 MAN B . -29.77 -15.91 1.49
C4 MAN B . -29.50 -17.09 0.52
C5 MAN B . -28.00 -17.35 0.31
C6 MAN B . -27.73 -18.43 -0.76
O2 MAN B . -29.50 -14.14 -0.12
O3 MAN B . -31.17 -15.61 1.53
O4 MAN B . -30.12 -18.25 1.07
O5 MAN B . -27.36 -16.11 -0.07
O6 MAN B . -26.58 -19.25 -0.54
C1 MAN B . -31.83 -15.73 2.81
C2 MAN B . -33.35 -15.91 2.60
C3 MAN B . -34.00 -14.61 2.15
C4 MAN B . -33.64 -13.46 3.07
C5 MAN B . -32.11 -13.36 3.20
C6 MAN B . -31.71 -12.23 4.15
O2 MAN B . -33.94 -16.29 3.85
O3 MAN B . -35.40 -14.73 2.05
O4 MAN B . -34.27 -12.26 2.58
O5 MAN B . -31.57 -14.62 3.67
O6 MAN B . -32.05 -12.60 5.48
C1 MAN B . -24.98 -19.95 6.31
C2 MAN B . -25.56 -21.37 6.18
C3 MAN B . -26.85 -21.38 7.02
C4 MAN B . -26.62 -20.98 8.48
C5 MAN B . -25.72 -19.74 8.62
C6 MAN B . -25.16 -19.64 10.03
O2 MAN B . -24.60 -22.32 6.61
O3 MAN B . -27.47 -22.65 6.95
O4 MAN B . -27.87 -20.70 9.07
O5 MAN B . -24.63 -19.71 7.68
O6 MAN B . -24.52 -18.39 10.13
C1 NAG C . 15.68 3.95 18.87
C2 NAG C . 15.99 3.80 20.39
C3 NAG C . 15.79 5.14 21.03
C4 NAG C . 16.62 6.25 20.40
C5 NAG C . 16.23 6.28 18.92
C6 NAG C . 17.08 7.31 18.14
C7 NAG C . 15.41 1.64 21.20
C8 NAG C . 14.34 0.78 21.86
N2 NAG C . 15.05 2.91 21.04
O3 NAG C . 16.06 5.03 22.46
O4 NAG C . 16.17 7.50 20.94
O5 NAG C . 16.50 5.01 18.40
O6 NAG C . 18.48 7.04 18.28
O7 NAG C . 16.48 1.18 20.81
C1 NAG C . 17.30 8.30 21.42
C2 NAG C . 16.78 9.72 21.69
C3 NAG C . 17.91 10.60 22.23
C4 NAG C . 18.51 10.03 23.51
C5 NAG C . 18.78 8.54 23.33
C6 NAG C . 18.84 8.07 24.80
C7 NAG C . 15.06 10.79 20.24
C8 NAG C . 14.88 11.47 18.91
N2 NAG C . 16.31 10.39 20.48
O3 NAG C . 17.37 11.86 22.51
O4 NAG C . 19.82 10.59 23.77
O5 NAG C . 17.77 7.76 22.65
O6 NAG C . 19.32 6.77 24.79
O7 NAG C . 14.10 10.60 21.00
C1 BMA C . 19.78 11.42 24.95
C2 BMA C . 21.21 11.56 25.51
C3 BMA C . 21.24 12.54 26.69
C4 BMA C . 20.39 13.79 26.41
C5 BMA C . 18.98 13.42 25.89
C6 BMA C . 18.05 14.63 25.67
O2 BMA C . 22.06 12.02 24.45
O3 BMA C . 22.61 12.87 27.06
O4 BMA C . 20.30 14.59 27.60
O5 BMA C . 19.14 12.67 24.68
O6 BMA C . 18.44 15.35 24.49
CU CU D . -2.66 5.85 4.91
CU CU E . -1.86 2.40 1.07
CU CU F . 0.06 -2.91 12.89
CU CU G . -0.15 6.04 1.11
O2 PG6 H . -17.51 22.27 6.00
C4 PG6 H . -18.11 21.31 6.87
C5 PG6 H . -19.59 21.49 6.97
O3 PG6 H . -20.09 20.50 7.80
C6 PG6 H . -21.47 20.68 8.18
O2 PG6 I . 17.95 -0.06 -19.61
C4 PG6 I . 18.21 -1.44 -19.40
C5 PG6 I . 19.25 -1.87 -18.39
O3 PG6 I . 20.55 -2.01 -19.02
C6 PG6 I . 21.69 -2.15 -18.16
C5 PG6 J . 3.37 37.58 14.02
O3 PG6 J . 2.69 36.48 14.64
C6 PG6 J . 2.34 36.71 16.00
C7 PG6 J . 1.02 36.05 16.38
O4 PG6 J . 1.15 34.66 16.76
C8 PG6 J . 0.47 33.83 15.83
C9 PG6 J . 0.32 32.40 16.32
O5 PG6 J . 1.37 31.72 15.66
C10 PG6 J . 0.96 30.76 14.69
C11 PG6 J . 2.17 30.37 13.85
O6 PG6 J . 3.30 30.03 14.66
C12 PG6 J . 3.03 29.06 15.67
N1 EPE K . 3.89 -0.33 -22.15
C2 EPE K . 3.01 0.19 -21.10
C3 EPE K . 1.77 0.87 -21.68
N4 EPE K . 1.07 -0.21 -22.35
C5 EPE K . 1.86 -1.36 -22.83
C6 EPE K . 3.22 -0.82 -23.36
C7 EPE K . -0.38 -0.13 -22.63
C8 EPE K . -1.06 1.00 -21.83
O8 EPE K . -1.29 0.57 -20.48
C9 EPE K . 5.32 -0.37 -21.80
C10 EPE K . 6.18 -0.87 -22.95
S EPE K . 7.82 -0.87 -22.58
O1S EPE K . 8.56 -0.74 -23.86
O2S EPE K . 8.19 0.25 -21.68
O3S EPE K . 8.11 -2.16 -21.91
#